data_4DO0
#
_entry.id   4DO0
#
_cell.length_a   151.734
_cell.length_b   151.734
_cell.length_c   151.734
_cell.angle_alpha   90.00
_cell.angle_beta   90.00
_cell.angle_gamma   90.00
#
_symmetry.space_group_name_H-M   'I 21 3'
#
loop_
_entity.id
_entity.type
_entity.pdbx_description
1 polymer 'Histone lysine demethylase PHF8'
2 non-polymer DAMINOZIDE
3 non-polymer 'ZINC ION'
4 non-polymer 'SULFATE ION'
5 non-polymer 1,2-ETHANEDIOL
6 non-polymer 'ACETATE ION'
7 water water
#
_entity_poly.entity_id   1
_entity_poly.type   'polypeptide(L)'
_entity_poly.pdbx_seq_one_letter_code
;YFQSMPVKTGSPTFVRELRSRTFDSSDEVILKPTGNQLTVEFLEENSFSVPILVLKKDGLGMTLPSPSFTVRDVEHYVGS
DKEIDVIDVTRQADCKMKLGDFVKYYYSGKREKVLNVISLEFSDTRLSNLVETPKIVRKLSWVENLWPEECVFERPNVQK
YCLMSVRDSYTDFHIDFGGTSVWYHVLKGEKIFYLIRPTNANLTLFECWSSSSNQNEMFFGDQVDKCYKCSVKQGQTLFI
PTGWIHAVLTPVDCLAFGGNFLHSLNIEMQLKAYEIEKRLSTADLFRFPNFETICWYVGKHILDIFRGLRENRRHPASYL
VHGGKALNLAFRAWTRKEALPDHEDEIPETVRTVQLIKDLAREIRLVEDIFQQN
;
_entity_poly.pdbx_strand_id   A
#
# COMPACT_ATOMS: atom_id res chain seq x y z
N VAL A 7 -0.14 29.09 7.47
CA VAL A 7 0.80 27.93 7.65
C VAL A 7 0.54 26.81 6.64
N LYS A 8 1.41 26.65 5.65
CA LYS A 8 1.17 25.74 4.53
C LYS A 8 1.90 24.41 4.71
N THR A 9 1.19 23.33 4.37
CA THR A 9 1.66 21.94 4.51
C THR A 9 2.96 21.73 3.73
N GLY A 10 4.07 21.62 4.46
CA GLY A 10 5.40 21.42 3.88
C GLY A 10 6.46 22.21 4.61
N SER A 11 6.18 23.49 4.84
CA SER A 11 7.13 24.47 5.41
C SER A 11 7.93 24.01 6.64
N PRO A 12 9.11 24.62 6.86
CA PRO A 12 9.94 24.33 8.04
C PRO A 12 9.29 24.71 9.34
N THR A 13 8.26 25.55 9.25
CA THR A 13 7.50 25.98 10.42
C THR A 13 6.39 24.92 10.62
N PHE A 14 5.80 24.45 9.52
CA PHE A 14 4.87 23.30 9.55
C PHE A 14 5.54 22.06 10.12
N VAL A 15 6.65 21.66 9.53
CA VAL A 15 7.39 20.52 10.04
C VAL A 15 7.73 20.77 11.50
N ARG A 16 8.27 21.96 11.80
CA ARG A 16 8.70 22.29 13.16
C ARG A 16 7.56 22.09 14.16
N GLU A 17 6.35 22.46 13.76
CA GLU A 17 5.19 22.28 14.65
C GLU A 17 4.86 20.81 14.76
N LEU A 18 4.75 20.15 13.61
CA LEU A 18 4.52 18.72 13.58
C LEU A 18 5.46 17.99 14.54
N ARG A 19 6.76 18.30 14.48
CA ARG A 19 7.75 17.62 15.31
C ARG A 19 7.38 17.69 16.78
N SER A 20 6.67 18.75 17.16
CA SER A 20 6.26 18.95 18.54
C SER A 20 4.94 18.21 18.85
N ARG A 21 4.14 17.92 17.83
CA ARG A 21 2.74 17.56 18.04
C ARG A 21 2.51 16.31 18.94
N THR A 22 1.54 16.51 19.82
CA THR A 22 1.09 15.60 20.87
C THR A 22 0.82 14.12 20.39
N PHE A 23 -0.36 13.90 19.82
CA PHE A 23 -0.82 12.61 19.21
C PHE A 23 -1.17 11.44 20.12
N ASP A 24 -2.06 10.58 19.61
CA ASP A 24 -2.46 9.34 20.28
C ASP A 24 -1.37 8.30 20.08
N SER A 25 -1.05 7.57 21.14
CA SER A 25 0.03 6.59 21.06
C SER A 25 -0.31 5.42 20.14
N SER A 26 0.69 4.96 19.42
CA SER A 26 0.55 3.84 18.53
C SER A 26 0.36 2.54 19.27
N ASP A 27 0.78 2.50 20.54
CA ASP A 27 0.73 1.25 21.33
C ASP A 27 -0.71 0.77 21.57
N GLU A 28 -1.66 1.71 21.48
CA GLU A 28 -3.11 1.41 21.53
C GLU A 28 -3.62 0.43 20.46
N VAL A 29 -3.31 0.68 19.18
CA VAL A 29 -3.88 -0.14 18.07
C VAL A 29 -2.95 -1.13 17.36
N ILE A 30 -1.64 -0.98 17.49
CA ILE A 30 -0.77 -1.76 16.61
C ILE A 30 -0.54 -3.11 17.21
N LEU A 31 -0.15 -4.05 16.39
CA LEU A 31 0.27 -5.31 16.91
C LEU A 31 1.80 -5.37 16.73
N LYS A 32 2.48 -6.05 17.66
CA LYS A 32 3.93 -6.18 17.63
C LYS A 32 4.34 -7.62 17.72
N PRO A 33 3.86 -8.47 16.81
CA PRO A 33 4.41 -9.81 16.73
C PRO A 33 5.88 -9.86 16.35
N THR A 34 6.43 -11.06 16.32
CA THR A 34 7.80 -11.31 15.93
C THR A 34 7.72 -11.93 14.55
N GLY A 35 8.85 -11.98 13.87
CA GLY A 35 8.84 -12.47 12.52
C GLY A 35 8.19 -13.82 12.39
N ASN A 36 8.53 -14.71 13.31
CA ASN A 36 8.08 -16.09 13.20
C ASN A 36 6.61 -16.22 13.55
N GLN A 37 6.10 -15.28 14.34
CA GLN A 37 4.69 -15.25 14.67
C GLN A 37 3.82 -14.69 13.55
N LEU A 38 4.42 -13.95 12.58
CA LEU A 38 3.64 -13.27 11.54
C LEU A 38 3.48 -14.17 10.34
N THR A 39 2.47 -15.02 10.42
CA THR A 39 2.23 -16.03 9.43
C THR A 39 0.88 -15.77 8.84
N VAL A 40 0.58 -16.51 7.78
CA VAL A 40 -0.73 -16.43 7.17
C VAL A 40 -1.84 -16.76 8.18
N GLU A 41 -1.62 -17.77 9.05
CA GLU A 41 -2.62 -18.14 10.05
C GLU A 41 -2.82 -16.98 10.97
N PHE A 42 -1.72 -16.37 11.40
CA PHE A 42 -1.81 -15.27 12.38
C PHE A 42 -2.72 -14.17 11.83
N LEU A 43 -2.59 -13.83 10.55
CA LEU A 43 -3.39 -12.74 9.97
C LEU A 43 -4.81 -13.19 9.63
N GLU A 44 -4.99 -14.45 9.29
CA GLU A 44 -6.35 -14.98 9.09
C GLU A 44 -7.17 -14.90 10.39
N GLU A 45 -6.54 -15.36 11.48
CA GLU A 45 -7.16 -15.39 12.83
C GLU A 45 -7.34 -13.98 13.37
N ASN A 46 -6.26 -13.21 13.39
CA ASN A 46 -6.32 -11.84 13.92
C ASN A 46 -6.99 -10.87 12.96
N SER A 47 -7.15 -11.26 11.68
CA SER A 47 -7.45 -10.29 10.64
CA SER A 47 -7.44 -10.31 10.62
C SER A 47 -6.25 -9.36 10.44
N PHE A 48 -6.32 -8.51 9.42
CA PHE A 48 -5.25 -7.56 9.14
C PHE A 48 -5.89 -6.22 9.03
N SER A 49 -6.40 -5.73 10.15
CA SER A 49 -7.15 -4.49 10.16
C SER A 49 -6.54 -3.40 11.01
N VAL A 50 -5.36 -3.70 11.57
CA VAL A 50 -4.58 -2.71 12.29
C VAL A 50 -3.11 -2.86 11.87
N PRO A 51 -2.35 -1.75 11.96
CA PRO A 51 -0.93 -1.79 11.54
C PRO A 51 -0.14 -2.74 12.43
N ILE A 52 0.93 -3.28 11.87
CA ILE A 52 1.76 -4.29 12.50
C ILE A 52 3.25 -3.91 12.39
N LEU A 53 3.88 -3.69 13.54
CA LEU A 53 5.29 -3.30 13.63
C LEU A 53 6.14 -4.43 14.18
N VAL A 54 6.92 -5.08 13.33
CA VAL A 54 7.87 -6.04 13.82
C VAL A 54 9.21 -5.32 14.17
N LEU A 55 9.70 -5.54 15.39
CA LEU A 55 10.93 -4.87 15.85
C LEU A 55 12.22 -5.35 15.15
N LYS A 56 12.39 -6.65 14.95
CA LYS A 56 13.60 -7.22 14.32
C LYS A 56 13.21 -8.10 13.16
N LYS A 57 14.03 -8.11 12.12
CA LYS A 57 13.67 -8.74 10.87
C LYS A 57 13.72 -10.25 10.84
N ASP A 58 14.26 -10.85 11.91
N ASP A 58 14.22 -10.83 11.94
CA ASP A 58 14.42 -12.31 12.00
CA ASP A 58 14.41 -12.25 12.05
C ASP A 58 13.02 -12.87 11.91
C ASP A 58 13.02 -12.87 11.94
N GLY A 59 12.83 -13.84 11.04
CA GLY A 59 11.51 -14.48 10.82
C GLY A 59 10.65 -13.97 9.65
N LEU A 60 10.96 -12.75 9.18
CA LEU A 60 10.26 -12.14 8.04
C LEU A 60 10.65 -12.71 6.69
N GLY A 61 11.71 -13.50 6.61
CA GLY A 61 12.15 -14.02 5.32
C GLY A 61 12.70 -12.93 4.40
N MET A 62 13.09 -11.79 4.94
CA MET A 62 13.67 -10.77 4.08
C MET A 62 15.16 -11.02 3.87
N THR A 63 15.61 -10.70 2.66
CA THR A 63 17.01 -10.51 2.31
C THR A 63 17.19 -9.01 2.02
N LEU A 64 18.22 -8.42 2.62
CA LEU A 64 18.50 -7.00 2.50
C LEU A 64 20.01 -6.76 2.58
N PRO A 65 20.47 -5.65 1.99
CA PRO A 65 21.86 -5.29 2.26
C PRO A 65 22.04 -4.86 3.72
N SER A 66 23.25 -4.47 4.08
CA SER A 66 23.54 -4.14 5.47
C SER A 66 23.08 -2.73 5.79
N PRO A 67 22.92 -2.41 7.09
CA PRO A 67 22.61 -1.04 7.52
C PRO A 67 23.61 0.05 7.11
N SER A 68 24.63 -0.32 6.33
CA SER A 68 25.65 0.61 5.86
C SER A 68 25.58 0.85 4.37
N PHE A 69 24.65 0.21 3.68
CA PHE A 69 24.23 0.61 2.33
C PHE A 69 23.96 2.14 2.30
N THR A 70 24.13 2.74 1.13
CA THR A 70 24.09 4.20 1.00
C THR A 70 23.35 4.61 -0.24
N VAL A 71 23.07 5.89 -0.27
CA VAL A 71 22.50 6.50 -1.44
C VAL A 71 23.38 6.21 -2.65
N ARG A 72 24.70 6.39 -2.50
CA ARG A 72 25.66 6.02 -3.57
C ARG A 72 25.56 4.57 -4.01
N ASP A 73 25.43 3.64 -3.07
CA ASP A 73 25.19 2.25 -3.49
C ASP A 73 23.97 2.13 -4.36
N VAL A 74 22.93 2.90 -4.04
CA VAL A 74 21.70 2.87 -4.85
C VAL A 74 22.02 3.29 -6.29
N GLU A 75 22.73 4.40 -6.42
CA GLU A 75 23.15 4.91 -7.73
C GLU A 75 23.94 3.86 -8.45
N HIS A 76 24.87 3.25 -7.74
CA HIS A 76 25.63 2.16 -8.34
C HIS A 76 24.71 1.12 -8.93
N TYR A 77 23.76 0.58 -8.16
CA TYR A 77 22.95 -0.56 -8.68
C TYR A 77 21.79 -0.22 -9.63
N VAL A 78 21.23 0.99 -9.53
CA VAL A 78 20.11 1.40 -10.41
C VAL A 78 20.55 2.08 -11.72
N GLY A 79 21.57 2.93 -11.63
CA GLY A 79 22.05 3.71 -12.78
C GLY A 79 21.76 5.20 -12.66
N SER A 80 22.83 5.98 -12.63
CA SER A 80 22.82 7.46 -12.72
C SER A 80 21.77 8.08 -13.67
N ASP A 81 21.55 7.46 -14.82
CA ASP A 81 20.65 8.03 -15.83
C ASP A 81 19.15 7.71 -15.68
N LYS A 82 18.77 6.84 -14.75
CA LYS A 82 17.35 6.44 -14.64
C LYS A 82 16.54 7.66 -14.21
N GLU A 83 15.38 7.84 -14.83
CA GLU A 83 14.47 8.89 -14.38
C GLU A 83 13.74 8.47 -13.10
N ILE A 84 13.66 9.39 -12.15
CA ILE A 84 12.99 9.13 -10.89
C ILE A 84 12.05 10.27 -10.47
N ASP A 85 10.88 9.90 -9.95
CA ASP A 85 9.91 10.87 -9.54
C ASP A 85 10.43 11.39 -8.23
N VAL A 86 10.43 12.69 -8.07
CA VAL A 86 10.86 13.35 -6.83
C VAL A 86 9.70 14.23 -6.37
N ILE A 87 9.63 14.59 -5.09
CA ILE A 87 8.58 15.51 -4.69
C ILE A 87 9.25 16.66 -3.96
N ASP A 88 8.81 17.88 -4.26
CA ASP A 88 9.34 19.06 -3.58
C ASP A 88 8.48 19.27 -2.35
N VAL A 89 9.05 19.11 -1.18
CA VAL A 89 8.27 19.04 0.04
C VAL A 89 7.80 20.40 0.59
N THR A 90 8.48 21.48 0.19
CA THR A 90 8.04 22.84 0.51
C THR A 90 7.39 23.38 -0.76
N ARG A 91 6.36 22.68 -1.21
CA ARG A 91 5.73 22.89 -2.52
C ARG A 91 4.74 21.75 -2.86
N GLN A 92 4.82 20.65 -2.12
CA GLN A 92 4.02 19.43 -2.40
C GLN A 92 3.77 19.12 -3.91
N ALA A 93 4.83 19.26 -4.74
CA ALA A 93 4.74 19.05 -6.22
C ALA A 93 5.70 17.99 -6.80
N ASP A 94 5.24 17.30 -7.84
CA ASP A 94 5.94 16.16 -8.48
C ASP A 94 6.73 16.53 -9.75
N CYS A 95 7.91 15.93 -9.90
CA CYS A 95 8.73 16.08 -11.11
C CYS A 95 9.66 14.88 -11.32
N LYS A 96 10.07 14.68 -12.57
CA LYS A 96 11.12 13.78 -12.91
C LYS A 96 12.51 14.43 -12.62
N MET A 97 13.52 13.58 -12.43
CA MET A 97 14.90 14.04 -12.13
C MET A 97 15.81 12.84 -12.39
N LYS A 98 17.06 13.11 -12.78
CA LYS A 98 17.98 12.01 -13.06
C LYS A 98 18.54 11.61 -11.73
N LEU A 99 18.54 10.30 -11.46
CA LEU A 99 19.10 9.77 -10.22
C LEU A 99 20.39 10.48 -9.84
N GLY A 100 21.30 10.63 -10.83
CA GLY A 100 22.60 11.35 -10.62
C GLY A 100 22.45 12.71 -9.98
N ASP A 101 21.52 13.48 -10.52
CA ASP A 101 21.29 14.82 -9.98
C ASP A 101 20.69 14.68 -8.60
N PHE A 102 19.86 13.65 -8.38
CA PHE A 102 19.38 13.45 -7.02
C PHE A 102 20.55 13.26 -6.11
N VAL A 103 21.45 12.34 -6.50
CA VAL A 103 22.63 12.04 -5.64
C VAL A 103 23.52 13.27 -5.42
N LYS A 104 23.80 14.00 -6.50
CA LYS A 104 24.47 15.30 -6.36
C LYS A 104 23.79 16.07 -5.23
N TYR A 105 22.50 16.33 -5.40
CA TYR A 105 21.73 17.09 -4.41
C TYR A 105 21.86 16.45 -3.04
N TYR A 106 21.59 15.15 -2.99
CA TYR A 106 21.67 14.46 -1.73
C TYR A 106 23.01 14.75 -0.99
N TYR A 107 24.14 14.30 -1.53
CA TYR A 107 25.40 14.38 -0.75
C TYR A 107 25.96 15.83 -0.62
N SER A 108 25.48 16.75 -1.46
CA SER A 108 25.77 18.19 -1.27
C SER A 108 25.50 18.66 0.17
N GLY A 109 24.24 18.58 0.62
CA GLY A 109 23.80 19.13 1.91
C GLY A 109 22.98 20.40 1.73
N LYS A 110 22.72 20.79 0.48
CA LYS A 110 22.01 22.03 0.15
C LYS A 110 20.51 21.84 0.35
N ARG A 111 20.08 21.90 1.60
CA ARG A 111 18.67 21.79 1.94
C ARG A 111 17.87 23.09 1.66
N GLU A 112 18.06 23.68 0.48
CA GLU A 112 17.30 24.88 0.11
C GLU A 112 15.98 24.41 -0.48
N LYS A 113 16.08 23.34 -1.24
CA LYS A 113 14.92 22.56 -1.57
C LYS A 113 14.99 21.31 -0.70
N VAL A 114 13.83 20.79 -0.31
CA VAL A 114 13.72 19.51 0.39
C VAL A 114 13.09 18.55 -0.61
N LEU A 115 13.93 17.76 -1.27
CA LEU A 115 13.43 16.76 -2.22
C LEU A 115 13.43 15.38 -1.56
N ASN A 116 12.47 14.55 -1.98
CA ASN A 116 12.10 13.30 -1.31
C ASN A 116 11.81 12.25 -2.38
N VAL A 117 12.42 11.08 -2.24
CA VAL A 117 12.22 10.01 -3.18
C VAL A 117 11.55 8.84 -2.49
N ILE A 118 10.38 8.49 -3.01
CA ILE A 118 9.55 7.49 -2.38
C ILE A 118 8.97 6.49 -3.33
N SER A 119 9.16 6.62 -4.63
CA SER A 119 8.58 5.66 -5.54
C SER A 119 9.58 5.09 -6.56
N LEU A 120 10.83 4.96 -6.16
CA LEU A 120 11.84 4.36 -7.04
C LEU A 120 11.69 2.84 -7.10
N GLU A 121 11.05 2.36 -8.15
CA GLU A 121 10.78 0.94 -8.26
C GLU A 121 11.88 0.27 -9.04
N PHE A 122 12.57 -0.66 -8.38
CA PHE A 122 13.86 -1.18 -8.85
C PHE A 122 13.86 -2.66 -9.19
N SER A 123 12.68 -3.22 -9.44
CA SER A 123 12.59 -4.62 -9.80
C SER A 123 13.37 -5.03 -11.06
N ASP A 124 13.61 -4.09 -11.98
CA ASP A 124 14.33 -4.33 -13.26
C ASP A 124 15.73 -3.71 -13.23
N THR A 125 16.32 -3.64 -12.05
CA THR A 125 17.67 -3.21 -11.93
C THR A 125 18.45 -4.26 -11.16
N ARG A 126 19.76 -4.11 -11.14
CA ARG A 126 20.63 -5.06 -10.45
C ARG A 126 20.39 -4.97 -8.95
N LEU A 127 19.80 -3.87 -8.48
CA LEU A 127 19.42 -3.80 -7.05
C LEU A 127 18.34 -4.81 -6.67
N SER A 128 17.62 -5.34 -7.66
CA SER A 128 16.54 -6.27 -7.38
C SER A 128 17.09 -7.50 -6.66
N ASN A 129 18.29 -7.90 -7.05
CA ASN A 129 18.90 -9.12 -6.56
C ASN A 129 19.42 -8.98 -5.13
N LEU A 130 19.55 -7.76 -4.62
CA LEU A 130 20.02 -7.56 -3.24
C LEU A 130 18.87 -7.51 -2.23
N VAL A 131 17.62 -7.45 -2.70
CA VAL A 131 16.47 -7.29 -1.80
C VAL A 131 15.38 -8.32 -2.09
N GLU A 132 15.04 -9.08 -1.07
CA GLU A 132 13.88 -9.97 -1.09
C GLU A 132 12.85 -9.48 -0.06
N THR A 133 11.60 -9.36 -0.53
CA THR A 133 10.50 -8.79 0.27
C THR A 133 10.05 -9.76 1.39
N PRO A 134 9.27 -9.31 2.37
CA PRO A 134 8.88 -10.28 3.42
C PRO A 134 8.14 -11.51 2.88
N LYS A 135 8.26 -12.64 3.57
CA LYS A 135 7.66 -13.88 3.09
C LYS A 135 6.13 -13.81 3.27
N ILE A 136 5.67 -13.17 4.33
CA ILE A 136 4.23 -12.93 4.49
C ILE A 136 3.63 -12.26 3.25
N VAL A 137 4.22 -11.16 2.79
CA VAL A 137 3.73 -10.46 1.61
C VAL A 137 3.71 -11.38 0.42
N ARG A 138 4.81 -12.07 0.19
CA ARG A 138 4.86 -12.94 -0.98
C ARG A 138 3.82 -14.01 -0.92
N LYS A 139 3.45 -14.46 0.28
CA LYS A 139 2.41 -15.51 0.39
C LYS A 139 1.02 -14.93 0.12
N LEU A 140 0.78 -13.70 0.54
CA LEU A 140 -0.53 -13.07 0.39
C LEU A 140 -0.78 -12.46 -1.01
N SER A 141 0.27 -11.99 -1.66
CA SER A 141 0.09 -11.05 -2.75
C SER A 141 -0.69 -11.65 -3.90
N TRP A 142 -1.78 -10.98 -4.27
CA TRP A 142 -2.53 -11.31 -5.48
C TRP A 142 -1.67 -11.31 -6.73
N VAL A 143 -0.98 -10.22 -7.00
CA VAL A 143 -0.21 -10.13 -8.22
C VAL A 143 0.82 -11.24 -8.31
N GLU A 144 1.47 -11.53 -7.19
CA GLU A 144 2.47 -12.58 -7.13
C GLU A 144 1.89 -13.95 -7.34
N ASN A 145 0.68 -14.22 -6.86
CA ASN A 145 0.20 -15.64 -6.82
C ASN A 145 -0.89 -15.97 -7.78
N LEU A 146 -1.64 -14.96 -8.19
CA LEU A 146 -2.87 -15.18 -8.94
C LEU A 146 -2.96 -14.47 -10.27
N TRP A 147 -2.07 -13.54 -10.56
CA TRP A 147 -1.98 -12.97 -11.88
C TRP A 147 -1.47 -14.01 -12.85
N PRO A 148 -2.27 -14.38 -13.86
CA PRO A 148 -1.76 -15.47 -14.71
C PRO A 148 -0.73 -14.98 -15.73
N GLU A 149 0.14 -15.87 -16.20
CA GLU A 149 1.15 -15.55 -17.22
C GLU A 149 0.54 -15.46 -18.64
N GLU A 150 -0.46 -16.28 -18.93
CA GLU A 150 -1.17 -16.28 -20.23
C GLU A 150 -1.94 -14.96 -20.52
N CYS A 151 -2.02 -14.09 -19.51
CA CYS A 151 -2.79 -12.83 -19.54
C CYS A 151 -2.00 -11.71 -20.23
N VAL A 152 -2.69 -10.96 -21.07
CA VAL A 152 -2.11 -10.01 -22.01
C VAL A 152 -2.42 -8.57 -21.58
N PHE A 153 -2.82 -8.42 -20.32
CA PHE A 153 -3.02 -7.13 -19.68
C PHE A 153 -1.74 -6.70 -19.03
N GLU A 154 -1.51 -5.41 -18.96
CA GLU A 154 -0.31 -4.92 -18.33
C GLU A 154 -0.31 -5.27 -16.85
N ARG A 155 0.67 -6.06 -16.44
CA ARG A 155 0.87 -6.46 -15.04
C ARG A 155 1.38 -5.28 -14.19
N PRO A 156 0.76 -5.03 -13.03
CA PRO A 156 1.32 -3.95 -12.21
C PRO A 156 2.60 -4.37 -11.53
N ASN A 157 3.58 -3.49 -11.52
CA ASN A 157 4.89 -3.80 -11.00
C ASN A 157 5.19 -2.85 -9.86
N VAL A 158 4.74 -3.23 -8.67
CA VAL A 158 4.82 -2.33 -7.51
C VAL A 158 5.38 -3.05 -6.30
N GLN A 159 6.17 -4.08 -6.55
CA GLN A 159 6.60 -4.98 -5.50
C GLN A 159 7.85 -4.54 -4.77
N LYS A 160 8.66 -3.65 -5.35
CA LYS A 160 9.93 -3.22 -4.73
C LYS A 160 10.21 -1.77 -4.96
N TYR A 161 10.25 -0.98 -3.91
CA TYR A 161 10.51 0.42 -3.97
C TYR A 161 11.64 0.71 -3.04
N CYS A 162 12.51 1.62 -3.48
CA CYS A 162 13.54 2.19 -2.62
C CYS A 162 13.11 3.60 -2.27
N LEU A 163 13.30 3.97 -1.01
CA LEU A 163 12.93 5.28 -0.54
C LEU A 163 14.14 5.92 0.06
N MET A 164 14.53 7.07 -0.47
CA MET A 164 15.57 7.90 0.12
C MET A 164 14.95 9.22 0.49
N SER A 165 14.99 9.55 1.78
CA SER A 165 14.23 10.68 2.31
C SER A 165 15.07 11.46 3.28
N VAL A 166 15.15 12.76 3.05
CA VAL A 166 16.06 13.62 3.81
C VAL A 166 15.34 14.20 5.00
N ARG A 167 16.08 14.47 6.07
CA ARG A 167 15.55 15.13 7.25
C ARG A 167 14.46 16.12 6.84
N ASP A 168 13.32 16.12 7.53
CA ASP A 168 12.19 17.07 7.27
C ASP A 168 11.38 16.81 5.97
N SER A 169 11.57 15.68 5.32
CA SER A 169 10.65 15.30 4.26
C SER A 169 9.25 15.03 4.84
N TYR A 170 8.23 15.18 4.00
CA TYR A 170 6.85 15.02 4.44
C TYR A 170 5.98 14.59 3.30
N THR A 171 5.32 13.42 3.45
CA THR A 171 4.23 13.08 2.56
C THR A 171 2.91 13.28 3.29
N ASP A 172 2.00 13.97 2.63
CA ASP A 172 0.75 14.29 3.25
C ASP A 172 -0.20 13.08 3.25
N PHE A 173 -1.23 13.19 4.08
CA PHE A 173 -2.22 12.15 4.25
C PHE A 173 -2.82 11.69 2.93
N HIS A 174 -2.84 10.37 2.75
CA HIS A 174 -3.37 9.76 1.57
C HIS A 174 -3.78 8.33 1.86
N ILE A 175 -4.49 7.74 0.91
CA ILE A 175 -4.74 6.32 0.84
C ILE A 175 -3.87 5.79 -0.32
N ASP A 176 -3.21 4.68 -0.12
CA ASP A 176 -2.34 4.22 -1.15
C ASP A 176 -3.10 3.79 -2.40
N PHE A 177 -2.45 4.05 -3.52
CA PHE A 177 -2.89 3.66 -4.83
C PHE A 177 -3.33 2.21 -4.84
N GLY A 178 -4.34 1.94 -5.64
CA GLY A 178 -4.86 0.58 -5.81
C GLY A 178 -5.69 0.09 -4.65
N GLY A 179 -5.82 0.90 -3.58
CA GLY A 179 -6.25 0.34 -2.27
C GLY A 179 -5.38 -0.84 -1.83
N THR A 180 -4.07 -0.71 -2.05
CA THR A 180 -3.12 -1.75 -1.74
C THR A 180 -2.74 -1.63 -0.27
N SER A 181 -2.27 -2.73 0.26
CA SER A 181 -1.60 -2.71 1.55
C SER A 181 -0.10 -2.48 1.32
N VAL A 182 0.60 -2.01 2.36
CA VAL A 182 2.03 -1.64 2.21
C VAL A 182 2.93 -2.17 3.34
N TRP A 183 4.16 -2.55 2.97
CA TRP A 183 5.18 -2.85 3.97
C TRP A 183 6.35 -1.93 3.79
N TYR A 184 6.97 -1.51 4.89
CA TYR A 184 8.13 -0.63 4.87
C TYR A 184 9.19 -1.16 5.81
N HIS A 185 10.41 -1.37 5.31
CA HIS A 185 11.54 -1.63 6.18
C HIS A 185 12.54 -0.50 6.19
N VAL A 186 12.79 0.04 7.37
CA VAL A 186 13.79 1.08 7.52
C VAL A 186 15.21 0.48 7.68
N LEU A 187 16.01 0.60 6.62
CA LEU A 187 17.39 0.20 6.62
C LEU A 187 18.21 1.13 7.47
N LYS A 188 17.98 2.42 7.34
CA LYS A 188 18.65 3.38 8.25
C LYS A 188 17.82 4.63 8.48
N GLY A 189 17.98 5.21 9.66
CA GLY A 189 17.33 6.47 9.99
C GLY A 189 16.03 6.19 10.70
N GLU A 190 15.00 6.95 10.37
CA GLU A 190 13.71 6.79 10.99
C GLU A 190 12.65 7.40 10.07
N LYS A 191 11.41 6.88 10.12
CA LYS A 191 10.21 7.55 9.53
C LYS A 191 9.03 7.50 10.48
N ILE A 192 8.44 8.65 10.80
CA ILE A 192 7.26 8.68 11.66
C ILE A 192 5.98 8.64 10.81
N PHE A 193 5.13 7.61 11.05
CA PHE A 193 3.84 7.45 10.36
C PHE A 193 2.70 7.92 11.24
N TYR A 194 1.82 8.75 10.68
CA TYR A 194 0.65 9.23 11.36
C TYR A 194 -0.54 8.50 10.74
N LEU A 195 -1.14 7.58 11.46
CA LEU A 195 -2.05 6.59 10.90
C LEU A 195 -3.51 6.83 11.36
N ILE A 196 -4.47 6.84 10.44
CA ILE A 196 -5.88 7.09 10.76
C ILE A 196 -6.75 5.98 10.22
N ARG A 197 -7.64 5.43 11.06
CA ARG A 197 -8.41 4.23 10.65
C ARG A 197 -9.42 4.59 9.55
N PRO A 198 -9.60 3.71 8.54
CA PRO A 198 -10.47 4.06 7.45
C PRO A 198 -11.94 3.68 7.70
N THR A 199 -12.52 4.22 8.75
CA THR A 199 -13.91 3.99 9.01
C THR A 199 -14.68 4.85 8.04
N ASN A 200 -15.88 4.40 7.67
CA ASN A 200 -16.79 5.19 6.83
C ASN A 200 -16.87 6.59 7.38
N ALA A 201 -16.96 6.68 8.69
CA ALA A 201 -16.97 7.99 9.32
C ALA A 201 -15.73 8.83 8.88
N ASN A 202 -14.51 8.33 9.08
CA ASN A 202 -13.24 9.06 8.70
C ASN A 202 -12.99 9.27 7.19
N LEU A 203 -13.28 8.26 6.38
CA LEU A 203 -13.20 8.38 4.92
C LEU A 203 -14.02 9.59 4.40
N THR A 204 -15.20 9.83 4.97
CA THR A 204 -16.04 11.00 4.57
C THR A 204 -15.36 12.33 4.88
N LEU A 205 -14.79 12.44 6.08
CA LEU A 205 -14.00 13.65 6.40
C LEU A 205 -12.78 13.76 5.47
N PHE A 206 -12.20 12.60 5.14
CA PHE A 206 -11.06 12.54 4.23
C PHE A 206 -11.45 12.99 2.82
N GLU A 207 -12.60 12.53 2.32
CA GLU A 207 -13.02 12.89 0.94
C GLU A 207 -13.21 14.38 0.89
N CYS A 208 -14.02 14.89 1.81
CA CYS A 208 -14.24 16.32 1.99
C CYS A 208 -12.95 17.14 2.08
N TRP A 209 -11.94 16.64 2.79
CA TRP A 209 -10.66 17.35 2.97
C TRP A 209 -9.78 17.36 1.76
N SER A 210 -9.78 16.25 1.03
CA SER A 210 -9.04 16.16 -0.22
C SER A 210 -9.54 17.29 -1.09
N SER A 211 -10.86 17.26 -1.31
CA SER A 211 -11.60 18.20 -2.16
C SER A 211 -11.65 19.64 -1.68
N SER A 212 -11.44 19.86 -0.39
CA SER A 212 -11.46 21.19 0.20
C SER A 212 -10.57 22.17 -0.56
N SER A 213 -10.97 23.44 -0.58
CA SER A 213 -10.24 24.47 -1.33
C SER A 213 -8.89 24.80 -0.70
N ASN A 214 -8.77 24.63 0.62
CA ASN A 214 -7.56 25.02 1.34
C ASN A 214 -6.94 23.84 2.12
N GLN A 215 -6.99 22.68 1.47
CA GLN A 215 -6.35 21.44 1.92
C GLN A 215 -4.93 21.65 2.45
N ASN A 216 -4.15 22.38 1.67
CA ASN A 216 -2.77 22.76 2.01
C ASN A 216 -2.58 23.53 3.32
N GLU A 217 -3.67 24.04 3.90
CA GLU A 217 -3.58 24.82 5.15
C GLU A 217 -4.13 24.07 6.35
N MET A 218 -4.67 22.89 6.12
CA MET A 218 -5.30 22.11 7.20
C MET A 218 -4.66 20.73 7.41
N PHE A 219 -4.20 20.52 8.63
CA PHE A 219 -3.68 19.22 9.04
C PHE A 219 -4.81 18.26 9.32
N PHE A 220 -4.99 17.28 8.44
CA PHE A 220 -6.12 16.38 8.50
C PHE A 220 -6.24 15.58 9.80
N GLY A 221 -5.12 15.25 10.42
CA GLY A 221 -5.15 14.48 11.64
C GLY A 221 -5.77 15.20 12.82
N ASP A 222 -6.10 16.47 12.64
CA ASP A 222 -6.80 17.22 13.69
C ASP A 222 -8.33 17.18 13.48
N GLN A 223 -8.77 16.77 12.29
CA GLN A 223 -10.21 16.69 11.98
C GLN A 223 -10.83 15.37 12.38
N VAL A 224 -10.03 14.49 13.00
CA VAL A 224 -10.50 13.14 13.27
C VAL A 224 -10.35 12.79 14.75
N ASP A 225 -11.12 11.79 15.15
CA ASP A 225 -11.11 11.27 16.51
C ASP A 225 -9.70 10.89 16.98
N LYS A 226 -9.08 9.95 16.24
CA LYS A 226 -7.84 9.33 16.67
C LYS A 226 -6.86 9.34 15.53
N CYS A 227 -5.67 9.89 15.80
CA CYS A 227 -4.54 9.90 14.87
C CYS A 227 -3.31 9.35 15.57
N TYR A 228 -2.77 8.24 15.08
CA TYR A 228 -1.73 7.47 15.81
C TYR A 228 -0.30 7.73 15.30
N LYS A 229 0.57 8.23 16.17
CA LYS A 229 1.96 8.41 15.82
C LYS A 229 2.65 7.08 15.95
N CYS A 230 3.26 6.59 14.88
CA CYS A 230 4.02 5.35 14.95
C CYS A 230 5.43 5.51 14.34
N SER A 231 6.43 5.50 15.20
CA SER A 231 7.81 5.68 14.82
C SER A 231 8.35 4.40 14.23
N VAL A 232 8.93 4.44 13.03
CA VAL A 232 9.59 3.24 12.47
C VAL A 232 11.12 3.43 12.40
N LYS A 233 11.82 3.03 13.45
CA LYS A 233 13.27 3.24 13.59
C LYS A 233 14.06 2.18 12.84
N GLN A 234 15.39 2.28 12.86
CA GLN A 234 16.27 1.39 12.10
C GLN A 234 15.97 -0.07 12.39
N GLY A 235 16.05 -0.93 11.38
CA GLY A 235 15.83 -2.37 11.55
C GLY A 235 14.37 -2.85 11.64
N GLN A 236 13.46 -1.96 12.03
CA GLN A 236 12.03 -2.26 12.19
C GLN A 236 11.27 -2.29 10.85
N THR A 237 10.15 -3.02 10.84
CA THR A 237 9.31 -3.19 9.64
C THR A 237 7.82 -2.94 9.93
N LEU A 238 7.18 -2.04 9.16
CA LEU A 238 5.77 -1.69 9.33
C LEU A 238 4.93 -2.30 8.21
N PHE A 239 3.81 -2.92 8.57
CA PHE A 239 2.85 -3.38 7.59
C PHE A 239 1.60 -2.55 7.78
N ILE A 240 1.22 -1.77 6.77
CA ILE A 240 -0.02 -0.99 6.85
C ILE A 240 -1.15 -1.67 6.08
N PRO A 241 -2.31 -1.86 6.74
CA PRO A 241 -3.45 -2.51 6.09
C PRO A 241 -4.15 -1.64 5.06
N THR A 242 -4.96 -2.34 4.24
CA THR A 242 -5.89 -1.75 3.30
C THR A 242 -6.57 -0.51 3.81
N GLY A 243 -6.38 0.59 3.11
CA GLY A 243 -7.20 1.78 3.30
C GLY A 243 -6.73 2.79 4.32
N TRP A 244 -5.80 2.41 5.18
CA TRP A 244 -5.41 3.32 6.25
C TRP A 244 -4.88 4.60 5.68
N ILE A 245 -5.50 5.69 6.09
CA ILE A 245 -5.11 7.06 5.73
C ILE A 245 -3.90 7.38 6.56
N HIS A 246 -2.81 7.77 5.91
CA HIS A 246 -1.52 8.04 6.59
C HIS A 246 -0.66 9.11 5.93
N ALA A 247 0.06 9.84 6.78
CA ALA A 247 1.03 10.86 6.40
C ALA A 247 2.38 10.40 6.93
N VAL A 248 3.50 10.91 6.40
CA VAL A 248 4.82 10.45 6.86
C VAL A 248 5.77 11.61 7.10
N LEU A 249 6.30 11.73 8.30
CA LEU A 249 7.37 12.67 8.52
C LEU A 249 8.67 11.89 8.64
N THR A 250 9.66 12.20 7.78
CA THR A 250 11.02 11.64 7.93
C THR A 250 11.87 12.55 8.81
N PRO A 251 12.07 12.21 10.08
CA PRO A 251 12.70 13.19 10.98
C PRO A 251 14.23 13.35 10.87
N VAL A 252 14.96 12.29 10.52
CA VAL A 252 16.40 12.33 10.22
C VAL A 252 16.56 11.69 8.87
N ASP A 253 17.74 11.82 8.25
CA ASP A 253 17.96 11.20 6.94
C ASP A 253 17.57 9.72 7.05
N CYS A 254 16.91 9.20 6.04
CA CYS A 254 16.43 7.84 6.07
C CYS A 254 16.51 7.16 4.71
N LEU A 255 16.92 5.89 4.69
CA LEU A 255 16.81 4.98 3.50
C LEU A 255 15.99 3.77 3.92
N ALA A 256 14.97 3.45 3.13
CA ALA A 256 13.98 2.47 3.55
C ALA A 256 13.65 1.70 2.32
N PHE A 257 13.03 0.54 2.47
CA PHE A 257 12.49 -0.23 1.34
C PHE A 257 11.02 -0.53 1.57
N GLY A 258 10.26 -0.82 0.52
CA GLY A 258 8.84 -1.10 0.69
C GLY A 258 8.17 -1.67 -0.53
N GLY A 259 6.91 -2.08 -0.39
CA GLY A 259 6.17 -2.70 -1.50
C GLY A 259 4.68 -2.71 -1.24
N ASN A 260 3.91 -2.81 -2.30
CA ASN A 260 2.48 -2.65 -2.19
C ASN A 260 1.85 -3.88 -2.75
N PHE A 261 0.83 -4.37 -2.05
CA PHE A 261 0.17 -5.61 -2.43
C PHE A 261 -1.32 -5.58 -2.09
N LEU A 262 -2.05 -6.44 -2.78
CA LEU A 262 -3.44 -6.75 -2.49
C LEU A 262 -3.50 -8.19 -2.01
N HIS A 263 -4.52 -8.47 -1.18
CA HIS A 263 -4.71 -9.81 -0.63
C HIS A 263 -6.18 -10.11 -0.39
N SER A 264 -6.45 -11.36 -0.03
CA SER A 264 -7.82 -11.83 0.12
C SER A 264 -8.45 -11.73 1.53
N LEU A 265 -7.85 -11.00 2.47
CA LEU A 265 -8.33 -11.04 3.84
C LEU A 265 -9.48 -10.08 4.13
N ASN A 266 -9.59 -8.99 3.39
CA ASN A 266 -10.65 -7.95 3.65
C ASN A 266 -11.05 -7.31 2.32
N ILE A 267 -11.52 -8.16 1.41
CA ILE A 267 -11.76 -7.73 0.02
C ILE A 267 -12.72 -6.53 -0.04
N GLU A 268 -13.71 -6.48 0.84
CA GLU A 268 -14.64 -5.35 0.84
C GLU A 268 -13.93 -4.01 1.04
N MET A 269 -13.01 -3.97 1.99
CA MET A 269 -12.25 -2.77 2.29
C MET A 269 -11.30 -2.46 1.11
N GLN A 270 -10.76 -3.49 0.47
CA GLN A 270 -9.92 -3.29 -0.70
C GLN A 270 -10.71 -2.61 -1.83
N LEU A 271 -11.89 -3.16 -2.15
CA LEU A 271 -12.75 -2.57 -3.19
C LEU A 271 -13.11 -1.13 -2.83
N LYS A 272 -13.52 -0.91 -1.57
CA LYS A 272 -13.84 0.45 -1.07
C LYS A 272 -12.66 1.40 -1.22
N ALA A 273 -11.49 0.98 -0.78
CA ALA A 273 -10.28 1.81 -0.85
C ALA A 273 -9.90 2.13 -2.30
N TYR A 274 -10.03 1.14 -3.17
CA TYR A 274 -9.96 1.36 -4.60
C TYR A 274 -10.88 2.45 -5.12
N GLU A 275 -12.19 2.34 -4.88
CA GLU A 275 -13.10 3.31 -5.49
C GLU A 275 -12.72 4.68 -5.00
N ILE A 276 -12.49 4.83 -3.70
CA ILE A 276 -12.20 6.17 -3.16
C ILE A 276 -10.90 6.75 -3.70
N GLU A 277 -9.84 5.97 -3.64
CA GLU A 277 -8.53 6.49 -4.08
C GLU A 277 -8.57 6.84 -5.56
N LYS A 278 -9.32 6.06 -6.34
CA LYS A 278 -9.55 6.36 -7.75
C LYS A 278 -10.12 7.77 -7.90
N ARG A 279 -11.20 8.06 -7.16
CA ARG A 279 -11.91 9.33 -7.31
C ARG A 279 -11.11 10.51 -6.78
N LEU A 280 -10.29 10.34 -5.77
CA LEU A 280 -9.55 11.49 -5.19
C LEU A 280 -8.16 11.66 -5.73
N SER A 281 -7.63 10.68 -6.45
CA SER A 281 -6.24 10.76 -6.84
C SER A 281 -6.01 11.86 -7.88
N THR A 282 -4.96 12.64 -7.68
CA THR A 282 -4.52 13.65 -8.62
C THR A 282 -3.34 13.15 -9.49
N ALA A 283 -3.01 11.86 -9.41
CA ALA A 283 -1.95 11.26 -10.22
C ALA A 283 -2.33 11.26 -11.71
N ASP A 284 -1.37 11.55 -12.56
CA ASP A 284 -1.59 11.42 -13.99
C ASP A 284 -1.66 9.99 -14.45
N LEU A 285 -1.08 9.05 -13.70
CA LEU A 285 -1.08 7.64 -14.12
C LEU A 285 -1.63 6.77 -12.99
N PHE A 286 -2.07 5.57 -13.33
CA PHE A 286 -2.45 4.63 -12.31
C PHE A 286 -1.20 3.85 -11.95
N ARG A 287 -0.67 4.03 -10.75
CA ARG A 287 0.44 3.18 -10.29
C ARG A 287 0.04 1.71 -10.35
N PHE A 288 -1.25 1.42 -10.17
CA PHE A 288 -1.74 0.06 -10.17
C PHE A 288 -2.77 -0.22 -11.25
N PRO A 289 -2.32 -0.44 -12.48
CA PRO A 289 -3.28 -0.67 -13.51
C PRO A 289 -3.98 -2.03 -13.40
N ASN A 290 -5.22 -2.08 -13.86
CA ASN A 290 -5.95 -3.30 -14.02
C ASN A 290 -6.33 -3.98 -12.69
N PHE A 291 -6.58 -3.16 -11.67
CA PHE A 291 -7.19 -3.62 -10.44
C PHE A 291 -8.35 -4.58 -10.72
N GLU A 292 -9.24 -4.18 -11.60
CA GLU A 292 -10.43 -4.95 -11.81
C GLU A 292 -10.09 -6.27 -12.44
N THR A 293 -9.16 -6.24 -13.39
CA THR A 293 -8.71 -7.48 -13.99
C THR A 293 -8.30 -8.49 -12.93
N ILE A 294 -7.46 -8.07 -11.99
CA ILE A 294 -6.97 -9.03 -10.98
C ILE A 294 -8.13 -9.50 -10.10
N CYS A 295 -9.07 -8.60 -9.82
CA CYS A 295 -10.28 -8.98 -9.07
C CYS A 295 -11.06 -10.07 -9.79
N TRP A 296 -11.29 -9.93 -11.10
CA TRP A 296 -11.95 -11.01 -11.87
C TRP A 296 -11.29 -12.32 -11.68
N TYR A 297 -9.96 -12.36 -11.83
CA TYR A 297 -9.23 -13.62 -11.71
C TYR A 297 -9.34 -14.18 -10.29
N VAL A 298 -9.42 -13.31 -9.30
CA VAL A 298 -9.51 -13.78 -7.94
C VAL A 298 -10.88 -14.34 -7.66
N GLY A 299 -11.90 -13.75 -8.26
CA GLY A 299 -13.25 -14.26 -8.12
C GLY A 299 -13.38 -15.71 -8.53
N LYS A 300 -12.74 -16.07 -9.64
CA LYS A 300 -12.81 -17.45 -10.14
C LYS A 300 -12.02 -18.40 -9.23
N HIS A 301 -10.88 -17.95 -8.73
CA HIS A 301 -10.12 -18.76 -7.79
C HIS A 301 -10.92 -19.01 -6.50
N ILE A 302 -11.67 -17.99 -6.10
CA ILE A 302 -12.49 -18.08 -4.92
C ILE A 302 -13.65 -19.05 -5.16
N LEU A 303 -14.26 -18.93 -6.32
CA LEU A 303 -15.25 -19.95 -6.71
C LEU A 303 -14.69 -21.39 -6.59
N ASP A 304 -13.51 -21.63 -7.17
CA ASP A 304 -12.88 -22.96 -7.18
C ASP A 304 -12.61 -23.43 -5.76
N ILE A 305 -12.30 -22.50 -4.87
CA ILE A 305 -12.03 -22.87 -3.51
C ILE A 305 -13.34 -23.28 -2.86
N PHE A 306 -14.41 -22.51 -3.05
CA PHE A 306 -15.72 -22.88 -2.46
C PHE A 306 -16.14 -24.25 -2.97
N ARG A 307 -16.05 -24.45 -4.28
CA ARG A 307 -16.43 -25.75 -4.85
C ARG A 307 -15.64 -26.88 -4.19
N GLY A 308 -14.33 -26.67 -4.07
CA GLY A 308 -13.42 -27.67 -3.51
C GLY A 308 -13.78 -28.00 -2.08
N LEU A 309 -14.06 -26.96 -1.30
CA LEU A 309 -14.41 -27.09 0.12
C LEU A 309 -15.74 -27.80 0.29
N ARG A 310 -16.65 -27.56 -0.64
CA ARG A 310 -17.94 -28.21 -0.57
C ARG A 310 -17.86 -29.64 -1.12
N GLU A 311 -17.21 -29.82 -2.27
CA GLU A 311 -17.00 -31.15 -2.86
C GLU A 311 -16.32 -32.12 -1.86
N ASN A 312 -15.63 -31.59 -0.84
CA ASN A 312 -15.03 -32.43 0.24
C ASN A 312 -15.54 -32.05 1.63
N ARG A 313 -16.79 -31.61 1.69
CA ARG A 313 -17.54 -31.46 2.94
C ARG A 313 -16.80 -30.69 4.04
N ARG A 314 -16.04 -29.63 3.68
CA ARG A 314 -15.45 -28.66 4.65
C ARG A 314 -16.08 -27.26 4.53
N HIS A 315 -15.74 -26.35 5.45
CA HIS A 315 -16.36 -25.01 5.54
C HIS A 315 -15.31 -23.93 5.43
N PRO A 316 -15.58 -22.91 4.60
CA PRO A 316 -14.66 -21.78 4.46
C PRO A 316 -14.70 -20.83 5.64
N ALA A 317 -13.60 -20.12 5.88
CA ALA A 317 -13.58 -19.11 6.94
C ALA A 317 -14.56 -17.94 6.63
N SER A 318 -15.28 -17.49 7.64
CA SER A 318 -16.15 -16.34 7.53
C SER A 318 -15.58 -15.19 6.67
N TYR A 319 -14.32 -14.78 6.90
CA TYR A 319 -13.77 -13.58 6.22
C TYR A 319 -13.81 -13.75 4.70
N LEU A 320 -13.57 -14.96 4.24
CA LEU A 320 -13.60 -15.26 2.81
C LEU A 320 -15.02 -15.20 2.22
N VAL A 321 -15.97 -15.82 2.92
CA VAL A 321 -17.39 -15.75 2.53
C VAL A 321 -17.80 -14.28 2.33
N HIS A 322 -17.47 -13.41 3.29
CA HIS A 322 -17.79 -11.98 3.12
C HIS A 322 -17.00 -11.35 2.00
N GLY A 323 -15.73 -11.68 1.89
CA GLY A 323 -14.92 -11.17 0.78
C GLY A 323 -15.50 -11.53 -0.58
N GLY A 324 -15.80 -12.81 -0.77
CA GLY A 324 -16.53 -13.27 -1.90
C GLY A 324 -17.82 -12.53 -2.19
N LYS A 325 -18.67 -12.34 -1.18
CA LYS A 325 -19.92 -11.62 -1.38
C LYS A 325 -19.60 -10.22 -1.85
N ALA A 326 -18.66 -9.54 -1.20
CA ALA A 326 -18.30 -8.16 -1.62
C ALA A 326 -17.76 -8.06 -3.07
N LEU A 327 -16.96 -9.06 -3.44
CA LEU A 327 -16.41 -9.15 -4.78
C LEU A 327 -17.56 -9.33 -5.76
N ASN A 328 -18.50 -10.21 -5.43
CA ASN A 328 -19.60 -10.46 -6.32
C ASN A 328 -20.47 -9.23 -6.60
N LEU A 329 -20.67 -8.39 -5.58
CA LEU A 329 -21.40 -7.15 -5.74
C LEU A 329 -20.67 -6.26 -6.71
N ALA A 330 -19.35 -6.12 -6.49
CA ALA A 330 -18.57 -5.33 -7.44
C ALA A 330 -18.74 -5.88 -8.85
N PHE A 331 -18.71 -7.20 -9.04
CA PHE A 331 -18.92 -7.77 -10.37
C PHE A 331 -20.23 -7.42 -11.02
N ARG A 332 -21.31 -7.47 -10.25
CA ARG A 332 -22.63 -7.08 -10.75
C ARG A 332 -22.60 -5.65 -11.11
N ALA A 333 -22.06 -4.82 -10.22
CA ALA A 333 -21.98 -3.35 -10.44
C ALA A 333 -21.19 -2.96 -11.71
N TRP A 334 -20.17 -3.72 -12.04
CA TRP A 334 -19.31 -3.42 -13.18
C TRP A 334 -19.87 -3.94 -14.47
N THR A 335 -20.78 -4.88 -14.40
CA THR A 335 -21.41 -5.40 -15.62
C THR A 335 -22.92 -5.02 -15.71
N ARG A 336 -23.38 -4.00 -14.99
CA ARG A 336 -24.74 -3.48 -15.21
C ARG A 336 -24.70 -2.83 -16.60
N LYS A 337 -25.83 -2.83 -17.32
CA LYS A 337 -25.88 -2.39 -18.74
C LYS A 337 -25.31 -0.99 -18.98
N GLU A 338 -25.50 -0.13 -18.01
CA GLU A 338 -25.06 1.25 -18.09
C GLU A 338 -23.60 1.43 -17.62
N ALA A 339 -23.11 0.55 -16.75
CA ALA A 339 -21.73 0.68 -16.23
C ALA A 339 -20.75 0.01 -17.18
N LEU A 340 -21.20 -1.06 -17.80
CA LEU A 340 -20.35 -1.97 -18.57
C LEU A 340 -19.30 -1.30 -19.49
N PRO A 341 -19.65 -0.20 -20.17
CA PRO A 341 -18.63 0.47 -21.03
C PRO A 341 -17.39 1.04 -20.31
N ASP A 342 -17.53 1.48 -19.06
CA ASP A 342 -16.35 1.94 -18.33
C ASP A 342 -15.47 0.75 -17.85
N HIS A 343 -16.07 -0.46 -17.77
CA HIS A 343 -15.45 -1.65 -17.15
C HIS A 343 -15.11 -2.81 -18.09
N GLU A 344 -15.72 -2.84 -19.26
CA GLU A 344 -15.54 -3.92 -20.21
C GLU A 344 -14.08 -4.24 -20.50
N ASP A 345 -13.30 -3.20 -20.72
CA ASP A 345 -11.91 -3.32 -21.10
C ASP A 345 -11.02 -4.07 -20.07
N GLU A 346 -11.49 -4.18 -18.82
CA GLU A 346 -10.74 -4.82 -17.72
C GLU A 346 -11.10 -6.26 -17.55
N ILE A 347 -12.17 -6.70 -18.21
CA ILE A 347 -12.62 -8.07 -18.04
C ILE A 347 -11.75 -8.93 -18.93
N PRO A 348 -11.08 -9.92 -18.34
CA PRO A 348 -10.26 -10.78 -19.21
C PRO A 348 -11.15 -11.60 -20.12
N GLU A 349 -10.70 -11.79 -21.37
CA GLU A 349 -11.47 -12.45 -22.40
C GLU A 349 -11.80 -13.90 -22.13
N THR A 350 -11.17 -14.53 -21.14
CA THR A 350 -11.51 -15.89 -20.77
C THR A 350 -12.67 -16.01 -19.80
N VAL A 351 -13.16 -14.90 -19.26
CA VAL A 351 -14.12 -14.94 -18.14
C VAL A 351 -15.56 -14.71 -18.63
N ARG A 352 -16.46 -15.60 -18.24
CA ARG A 352 -17.86 -15.48 -18.59
C ARG A 352 -18.52 -14.91 -17.37
N THR A 353 -18.66 -13.59 -17.38
CA THR A 353 -18.99 -12.92 -16.16
C THR A 353 -20.35 -13.34 -15.58
N VAL A 354 -21.36 -13.50 -16.43
CA VAL A 354 -22.73 -13.81 -15.93
C VAL A 354 -22.72 -15.13 -15.19
N GLN A 355 -21.99 -16.06 -15.77
CA GLN A 355 -21.90 -17.37 -15.17
C GLN A 355 -21.06 -17.36 -13.89
N LEU A 356 -19.95 -16.61 -13.89
CA LEU A 356 -19.12 -16.52 -12.69
C LEU A 356 -19.97 -16.03 -11.55
N ILE A 357 -20.67 -14.91 -11.80
CA ILE A 357 -21.51 -14.24 -10.79
C ILE A 357 -22.60 -15.15 -10.28
N LYS A 358 -23.33 -15.75 -11.22
CA LYS A 358 -24.37 -16.74 -10.88
C LYS A 358 -23.77 -17.84 -9.99
N ASP A 359 -22.63 -18.43 -10.37
CA ASP A 359 -22.11 -19.57 -9.57
C ASP A 359 -21.52 -19.09 -8.25
N LEU A 360 -20.87 -17.94 -8.29
CA LEU A 360 -20.26 -17.47 -7.06
C LEU A 360 -21.39 -17.23 -6.08
N ALA A 361 -22.49 -16.65 -6.57
CA ALA A 361 -23.71 -16.38 -5.75
C ALA A 361 -24.31 -17.67 -5.17
N ARG A 362 -24.38 -18.72 -5.98
CA ARG A 362 -24.89 -20.03 -5.52
C ARG A 362 -24.06 -20.65 -4.40
N GLU A 363 -22.73 -20.67 -4.55
CA GLU A 363 -21.88 -21.29 -3.54
C GLU A 363 -21.93 -20.49 -2.26
N ILE A 364 -21.98 -19.17 -2.36
CA ILE A 364 -22.14 -18.33 -1.18
C ILE A 364 -23.47 -18.58 -0.45
N ARG A 365 -24.58 -18.77 -1.18
CA ARG A 365 -25.85 -19.15 -0.54
C ARG A 365 -25.68 -20.45 0.23
N LEU A 366 -25.06 -21.47 -0.36
CA LEU A 366 -24.88 -22.75 0.37
C LEU A 366 -24.06 -22.67 1.67
N VAL A 367 -23.34 -21.59 1.90
CA VAL A 367 -22.54 -21.49 3.12
C VAL A 367 -23.01 -20.32 4.01
N GLU A 368 -24.31 -20.22 4.24
CA GLU A 368 -24.91 -19.15 5.07
C GLU A 368 -25.85 -19.71 6.17
N ASP A 369 -25.30 -19.92 7.37
CA ASP A 369 -25.99 -20.60 8.49
C ASP A 369 -26.31 -22.06 8.17
#